data_4I5T
#
_entry.id   4I5T
#
_cell.length_a   73.760
_cell.length_b   74.460
_cell.length_c   112.350
_cell.angle_alpha   90.00
_cell.angle_beta   90.00
_cell.angle_gamma   90.00
#
_symmetry.space_group_name_H-M   'P 21 21 21'
#
loop_
_entity.id
_entity.type
_entity.pdbx_description
1 polymer "5',5'''-P-1,P-4-tetraphosphate phosphorylase 2"
2 water water
#
_entity_poly.entity_id   1
_entity_poly.type   'polypeptide(L)'
_entity_poly.pdbx_seq_one_letter_code
;MGHHHHHHMIEENLKQKIHDKFVAAKKNGHLKVTHAESKKLKDPQTTTQYWVTFAPSLALKPDANKNSDSKAEDPFANPD
EELVVTEDLNGDGEYKLLLNKFPVVPEHSLLVTSEFKDQRSALTPSDLMTAYNVLCSLQGDKDDDVTCERYLVFYNCGPH
SGSSQDHKHLQIMQMPEKFIPFQDVLCNGKDHFLPTFNAEPLQDDKVSFAHFVLPLPESSDQVDEDLLAMCYVSLMQRAL
TFFQDWTNESPELTKSYNVLLTKKWICVVPRSHAKSGPPLMLNINSTGYCGMILVKDREKLENLTEDPHLVDKSLLQCGF
PNTAGQKPTEYHY
;
_entity_poly.pdbx_strand_id   A,B
#
# COMPACT_ATOMS: atom_id res chain seq x y z
N MET A 9 21.70 -27.69 -12.84
CA MET A 9 22.85 -27.21 -13.59
C MET A 9 22.43 -26.15 -14.59
N ILE A 10 23.23 -25.10 -14.73
CA ILE A 10 22.81 -23.97 -15.55
C ILE A 10 23.00 -24.29 -17.01
N GLU A 11 22.02 -23.89 -17.81
CA GLU A 11 22.04 -24.14 -19.24
C GLU A 11 23.38 -23.73 -19.81
N GLU A 12 23.92 -24.52 -20.74
CA GLU A 12 25.20 -24.19 -21.33
C GLU A 12 25.04 -22.98 -22.24
N ASN A 13 26.10 -22.19 -22.37
CA ASN A 13 26.09 -21.03 -23.27
C ASN A 13 24.94 -20.07 -22.99
N LEU A 14 24.61 -19.90 -21.72
CA LEU A 14 23.49 -19.06 -21.32
C LEU A 14 23.61 -17.64 -21.90
N LYS A 15 24.80 -17.07 -21.77
CA LYS A 15 25.05 -15.70 -22.21
C LYS A 15 24.78 -15.51 -23.70
N GLN A 16 25.20 -16.46 -24.51
CA GLN A 16 24.97 -16.37 -25.95
C GLN A 16 23.49 -16.57 -26.23
N LYS A 17 22.86 -17.44 -25.46
CA LYS A 17 21.44 -17.66 -25.62
C LYS A 17 20.66 -16.40 -25.29
N ILE A 18 20.96 -15.77 -24.16
CA ILE A 18 20.33 -14.49 -23.84
C ILE A 18 20.54 -13.50 -24.99
N HIS A 19 21.81 -13.31 -25.36
CA HIS A 19 22.11 -12.35 -26.42
C HIS A 19 21.31 -12.61 -27.68
N ASP A 20 21.40 -13.84 -28.19
CA ASP A 20 20.70 -14.18 -29.43
C ASP A 20 19.18 -14.08 -29.31
N LYS A 21 18.63 -14.51 -28.19
CA LYS A 21 17.19 -14.40 -28.01
C LYS A 21 16.83 -12.92 -28.02
N PHE A 22 17.69 -12.10 -27.44
CA PHE A 22 17.41 -10.67 -27.34
C PHE A 22 17.46 -9.99 -28.70
N VAL A 23 18.53 -10.19 -29.47
CA VAL A 23 18.58 -9.53 -30.78
C VAL A 23 17.42 -9.96 -31.66
N ALA A 24 17.10 -11.26 -31.69
CA ALA A 24 15.97 -11.74 -32.49
C ALA A 24 14.64 -11.09 -32.10
N ALA A 25 14.37 -10.98 -30.80
CA ALA A 25 13.10 -10.40 -30.37
C ALA A 25 13.04 -8.87 -30.57
N LYS A 26 14.19 -8.21 -30.54
CA LYS A 26 14.19 -6.78 -30.85
C LYS A 26 13.87 -6.64 -32.32
N LYS A 27 14.51 -7.49 -33.12
CA LYS A 27 14.35 -7.47 -34.57
C LYS A 27 12.88 -7.52 -35.02
N ASN A 28 12.16 -8.53 -34.55
CA ASN A 28 10.81 -8.78 -35.05
C ASN A 28 9.66 -8.20 -34.23
N GLY A 29 10.01 -7.47 -33.19
CA GLY A 29 9.00 -6.73 -32.44
C GLY A 29 8.35 -7.45 -31.26
N HIS A 30 9.04 -8.46 -30.72
CA HIS A 30 8.54 -9.15 -29.53
C HIS A 30 8.97 -8.45 -28.25
N LEU A 31 9.89 -7.51 -28.39
CA LEU A 31 10.24 -6.64 -27.30
C LEU A 31 10.63 -5.30 -27.88
N LYS A 32 10.41 -4.24 -27.11
CA LYS A 32 10.83 -2.91 -27.51
C LYS A 32 11.69 -2.29 -26.41
N VAL A 33 12.87 -1.81 -26.78
CA VAL A 33 13.77 -1.16 -25.83
C VAL A 33 13.41 0.31 -25.62
N THR A 34 13.17 0.68 -24.37
CA THR A 34 12.96 2.08 -24.01
C THR A 34 14.30 2.84 -24.12
N HIS A 35 14.33 3.90 -24.92
CA HIS A 35 15.53 4.73 -25.08
C HIS A 35 15.91 5.40 -23.78
N ALA A 36 17.19 5.40 -23.47
CA ALA A 36 17.67 6.03 -22.24
C ALA A 36 19.13 6.45 -22.37
N GLU A 37 19.57 7.30 -21.46
CA GLU A 37 20.93 7.79 -21.46
C GLU A 37 21.24 7.81 -20.02
N SER A 38 22.50 7.58 -19.65
CA SER A 38 22.86 7.56 -18.23
C SER A 38 24.13 8.33 -17.99
N LYS A 39 24.34 8.74 -16.75
CA LYS A 39 25.61 9.32 -16.36
C LYS A 39 25.89 9.08 -14.89
N LYS A 40 27.15 9.24 -14.52
CA LYS A 40 27.63 9.12 -13.15
C LYS A 40 27.35 10.39 -12.36
N LEU A 41 27.00 10.23 -11.09
CA LEU A 41 27.00 11.34 -10.15
C LEU A 41 27.73 10.92 -8.89
N LYS A 42 28.08 11.91 -8.07
CA LYS A 42 28.76 11.62 -6.83
C LYS A 42 28.16 12.47 -5.74
N ASP A 43 27.75 11.83 -4.65
CA ASP A 43 27.28 12.58 -3.49
C ASP A 43 28.45 13.35 -2.87
N PRO A 44 28.36 14.70 -2.84
CA PRO A 44 29.47 15.48 -2.25
C PRO A 44 29.57 15.23 -0.76
N GLN A 45 28.42 15.15 -0.10
CA GLN A 45 28.33 14.88 1.33
C GLN A 45 28.82 13.49 1.72
N THR A 46 28.18 12.46 1.15
CA THR A 46 28.45 11.07 1.54
C THR A 46 29.51 10.35 0.68
N THR A 47 29.90 10.98 -0.42
CA THR A 47 30.87 10.39 -1.36
C THR A 47 30.34 9.23 -2.22
N THR A 48 29.11 8.79 -1.97
CA THR A 48 28.53 7.64 -2.67
C THR A 48 28.33 7.89 -4.16
N GLN A 49 28.79 6.97 -4.98
CA GLN A 49 28.63 7.03 -6.43
C GLN A 49 27.22 6.65 -6.84
N TYR A 50 26.69 7.35 -7.84
CA TYR A 50 25.38 7.01 -8.37
C TYR A 50 25.41 6.88 -9.88
N TRP A 51 24.44 6.15 -10.40
CA TRP A 51 24.31 6.05 -11.83
C TRP A 51 22.88 6.45 -12.16
N VAL A 52 22.74 7.58 -12.85
CA VAL A 52 21.41 8.06 -13.17
C VAL A 52 21.08 7.78 -14.61
N THR A 53 19.95 7.10 -14.80
CA THR A 53 19.49 6.80 -16.14
C THR A 53 18.28 7.67 -16.41
N PHE A 54 18.23 8.26 -17.60
CA PHE A 54 17.15 9.17 -17.98
C PHE A 54 16.35 8.60 -19.15
N ALA A 55 15.09 8.27 -18.90
CA ALA A 55 14.21 7.67 -19.91
C ALA A 55 12.87 8.40 -20.05
N PRO A 56 12.88 9.57 -20.73
CA PRO A 56 11.73 10.46 -20.91
C PRO A 56 10.48 9.74 -21.43
N SER A 57 10.65 8.90 -22.45
CA SER A 57 9.50 8.24 -23.06
C SER A 57 8.66 7.53 -21.99
N LEU A 58 9.24 7.33 -20.82
CA LEU A 58 8.54 6.63 -19.74
C LEU A 58 7.44 7.46 -19.07
N ALA A 59 7.50 8.78 -19.23
CA ALA A 59 6.51 9.66 -18.62
C ALA A 59 5.27 9.87 -19.48
N LEU A 60 5.30 9.38 -20.71
CA LEU A 60 4.17 9.45 -21.63
C LEU A 60 3.16 8.31 -21.43
N ASP A 74 -0.78 -11.07 -15.14
CA ASP A 74 0.43 -11.82 -14.78
C ASP A 74 1.25 -12.23 -16.01
N PRO A 75 2.17 -11.36 -16.45
CA PRO A 75 3.02 -11.52 -17.64
C PRO A 75 3.83 -12.80 -17.59
N PHE A 76 3.99 -13.35 -16.39
CA PHE A 76 4.75 -14.57 -16.21
C PHE A 76 3.87 -15.80 -16.40
N ALA A 77 2.55 -15.59 -16.39
CA ALA A 77 1.61 -16.69 -16.60
C ALA A 77 1.74 -17.31 -17.99
N ASN A 78 1.50 -16.49 -19.01
CA ASN A 78 1.60 -16.91 -20.41
C ASN A 78 2.63 -16.05 -21.13
N PRO A 79 3.90 -16.23 -20.79
CA PRO A 79 4.90 -15.38 -21.42
C PRO A 79 5.08 -15.75 -22.88
N ASP A 80 5.31 -14.73 -23.70
CA ASP A 80 5.60 -14.91 -25.12
C ASP A 80 6.80 -15.85 -25.30
N GLU A 81 6.63 -16.92 -26.08
CA GLU A 81 7.69 -17.90 -26.29
C GLU A 81 8.99 -17.30 -26.85
N GLU A 82 8.86 -16.26 -27.67
CA GLU A 82 10.06 -15.65 -28.24
C GLU A 82 10.88 -14.94 -27.17
N LEU A 83 10.26 -14.65 -26.02
CA LEU A 83 10.94 -14.06 -24.86
C LEU A 83 11.53 -15.07 -23.88
N VAL A 84 11.23 -16.35 -24.07
CA VAL A 84 11.66 -17.33 -23.09
C VAL A 84 13.04 -17.82 -23.52
N VAL A 85 14.06 -17.46 -22.78
CA VAL A 85 15.41 -17.86 -23.12
C VAL A 85 15.58 -19.35 -22.81
N THR A 86 15.06 -19.78 -21.65
CA THR A 86 15.06 -21.20 -21.27
C THR A 86 13.78 -21.57 -20.54
N GLU A 87 13.22 -22.73 -20.89
CA GLU A 87 12.05 -23.26 -20.22
C GLU A 87 12.34 -23.71 -18.79
N ASP A 88 13.50 -24.34 -18.56
CA ASP A 88 13.99 -24.53 -17.19
C ASP A 88 15.48 -24.27 -17.02
N LEU A 89 15.78 -23.24 -16.23
CA LEU A 89 17.15 -22.77 -16.08
C LEU A 89 18.05 -23.89 -15.55
N ASN A 90 17.45 -24.82 -14.80
CA ASN A 90 18.13 -26.05 -14.33
C ASN A 90 17.42 -27.29 -14.84
N GLY A 91 17.92 -28.46 -14.46
CA GLY A 91 17.26 -29.70 -14.79
C GLY A 91 15.85 -29.72 -14.21
N ASP A 92 15.71 -29.10 -13.05
CA ASP A 92 14.44 -29.03 -12.34
C ASP A 92 13.49 -28.07 -13.01
N GLY A 93 12.22 -28.22 -12.68
CA GLY A 93 11.19 -27.36 -13.20
C GLY A 93 11.07 -26.18 -12.27
N GLU A 94 12.16 -25.84 -11.59
CA GLU A 94 12.17 -24.65 -10.74
C GLU A 94 11.95 -23.37 -11.53
N TYR A 95 12.82 -23.13 -12.50
CA TYR A 95 12.92 -21.80 -13.07
C TYR A 95 12.89 -21.72 -14.60
N LYS A 96 12.27 -20.67 -15.12
CA LYS A 96 12.46 -20.33 -16.51
C LYS A 96 13.12 -18.96 -16.53
N LEU A 97 13.89 -18.70 -17.58
CA LEU A 97 14.52 -17.39 -17.77
C LEU A 97 13.84 -16.67 -18.92
N LEU A 98 13.23 -15.53 -18.61
CA LEU A 98 12.53 -14.69 -19.58
C LEU A 98 13.28 -13.37 -19.80
N LEU A 99 13.25 -12.88 -21.03
CA LEU A 99 13.66 -11.51 -21.34
C LEU A 99 12.60 -10.51 -20.85
N ASN A 100 13.03 -9.39 -20.29
CA ASN A 100 12.12 -8.27 -20.07
C ASN A 100 11.61 -7.74 -21.45
N LYS A 101 10.29 -7.63 -21.57
CA LYS A 101 9.61 -7.19 -22.77
C LYS A 101 9.89 -5.70 -23.09
N PHE A 102 9.98 -4.89 -22.04
CA PHE A 102 10.23 -3.46 -22.23
C PHE A 102 11.39 -2.97 -21.37
N PRO A 103 12.61 -3.46 -21.67
CA PRO A 103 13.79 -3.15 -20.86
C PRO A 103 14.33 -1.77 -21.14
N VAL A 104 14.90 -1.14 -20.12
CA VAL A 104 15.83 -0.04 -20.34
C VAL A 104 17.23 -0.58 -20.62
N VAL A 105 17.68 -1.49 -19.76
CA VAL A 105 18.98 -2.14 -19.90
C VAL A 105 18.86 -3.35 -20.81
N PRO A 106 19.60 -3.35 -21.92
CA PRO A 106 19.43 -4.43 -22.90
C PRO A 106 19.73 -5.83 -22.30
N GLU A 107 18.95 -6.84 -22.69
CA GLU A 107 19.17 -8.21 -22.21
C GLU A 107 18.70 -8.43 -20.76
N HIS A 108 18.16 -7.38 -20.16
CA HIS A 108 17.61 -7.49 -18.80
C HIS A 108 16.64 -8.67 -18.74
N SER A 109 16.87 -9.53 -17.75
CA SER A 109 16.20 -10.82 -17.69
C SER A 109 15.56 -11.13 -16.33
N LEU A 110 14.51 -11.94 -16.39
CA LEU A 110 13.74 -12.35 -15.23
C LEU A 110 13.89 -13.84 -15.02
N LEU A 111 14.28 -14.25 -13.81
CA LEU A 111 14.28 -15.64 -13.46
C LEU A 111 12.96 -15.89 -12.76
N VAL A 112 12.07 -16.61 -13.43
CA VAL A 112 10.70 -16.75 -12.95
C VAL A 112 10.43 -18.18 -12.48
N THR A 113 9.73 -18.33 -11.36
CA THR A 113 9.40 -19.68 -10.88
C THR A 113 8.50 -20.31 -11.90
N SER A 114 8.85 -21.52 -12.33
CA SER A 114 8.08 -22.22 -13.36
C SER A 114 6.64 -22.35 -12.95
N GLU A 115 6.43 -22.76 -11.70
CA GLU A 115 5.09 -22.82 -11.15
C GLU A 115 4.91 -21.62 -10.24
N PHE A 116 3.69 -21.13 -10.13
CA PHE A 116 3.43 -19.93 -9.35
C PHE A 116 3.87 -20.04 -7.89
N LYS A 117 4.59 -19.02 -7.44
CA LYS A 117 4.81 -18.78 -6.02
C LYS A 117 4.71 -17.28 -5.76
N ASP A 118 4.53 -16.92 -4.49
CA ASP A 118 4.33 -15.53 -4.14
C ASP A 118 5.66 -14.81 -4.03
N GLN A 119 5.68 -13.56 -4.52
CA GLN A 119 6.87 -12.71 -4.50
C GLN A 119 7.17 -12.22 -3.08
N ARG A 120 6.22 -12.42 -2.17
CA ARG A 120 6.39 -12.03 -0.77
C ARG A 120 7.19 -13.08 -0.01
N SER A 121 7.42 -14.22 -0.65
CA SER A 121 8.17 -15.31 -0.03
C SER A 121 9.68 -15.09 -0.03
N ALA A 122 10.34 -15.63 0.98
CA ALA A 122 11.78 -15.59 1.08
C ALA A 122 12.46 -16.41 -0.03
N LEU A 123 13.68 -16.02 -0.34
CA LEU A 123 14.50 -16.74 -1.27
C LEU A 123 14.93 -18.05 -0.62
N THR A 124 14.83 -19.15 -1.35
CA THR A 124 15.24 -20.43 -0.84
C THR A 124 16.75 -20.59 -1.03
N PRO A 125 17.32 -21.70 -0.57
CA PRO A 125 18.75 -21.90 -0.80
C PRO A 125 19.05 -22.15 -2.28
N SER A 126 18.15 -22.85 -2.95
CA SER A 126 18.35 -23.20 -4.34
C SER A 126 18.16 -21.97 -5.23
N ASP A 127 17.33 -21.04 -4.78
CA ASP A 127 17.15 -19.76 -5.41
C ASP A 127 18.49 -19.04 -5.47
N LEU A 128 19.18 -19.03 -4.32
CA LEU A 128 20.42 -18.31 -4.19
C LEU A 128 21.50 -18.96 -5.04
N MET A 129 21.64 -20.28 -4.92
CA MET A 129 22.66 -20.98 -5.69
C MET A 129 22.41 -20.84 -7.20
N THR A 130 21.14 -20.88 -7.61
CA THR A 130 20.81 -20.74 -9.02
C THR A 130 21.15 -19.33 -9.52
N ALA A 131 20.83 -18.32 -8.71
CA ALA A 131 21.18 -16.93 -9.08
C ALA A 131 22.69 -16.70 -9.17
N TYR A 132 23.43 -17.22 -8.19
CA TYR A 132 24.88 -17.10 -8.17
C TYR A 132 25.48 -17.81 -9.35
N ASN A 133 24.92 -18.93 -9.74
CA ASN A 133 25.49 -19.69 -10.87
C ASN A 133 25.23 -19.00 -12.17
N VAL A 134 24.06 -18.41 -12.31
CA VAL A 134 23.77 -17.59 -13.47
C VAL A 134 24.76 -16.45 -13.58
N LEU A 135 25.04 -15.77 -12.47
CA LEU A 135 26.01 -14.66 -12.49
C LEU A 135 27.34 -15.17 -12.99
N CYS A 136 27.77 -16.31 -12.46
CA CYS A 136 29.08 -16.83 -12.81
C CYS A 136 29.12 -17.13 -14.29
N SER A 137 28.03 -17.71 -14.79
CA SER A 137 27.92 -18.11 -16.17
C SER A 137 28.02 -16.89 -17.10
N LEU A 138 27.25 -15.84 -16.80
CA LEU A 138 27.23 -14.65 -17.62
C LEU A 138 28.55 -13.88 -17.55
N GLN A 139 29.24 -13.99 -16.42
CA GLN A 139 30.51 -13.26 -16.24
C GLN A 139 31.76 -13.98 -16.76
N GLY A 140 31.56 -15.13 -17.39
CA GLY A 140 32.58 -15.70 -18.25
C GLY A 140 33.51 -16.74 -17.64
N ASP A 141 33.29 -17.06 -16.37
CA ASP A 141 34.08 -18.09 -15.70
C ASP A 141 33.27 -19.38 -15.50
N CYS A 148 34.85 -9.15 -19.52
CA CYS A 148 34.93 -8.73 -18.12
C CYS A 148 33.75 -7.82 -17.74
N GLU A 149 32.55 -8.19 -18.18
CA GLU A 149 31.32 -7.50 -17.78
C GLU A 149 30.79 -7.99 -16.42
N ARG A 150 30.18 -7.07 -15.68
CA ARG A 150 29.63 -7.31 -14.35
C ARG A 150 28.10 -7.45 -14.37
N TYR A 151 27.58 -8.40 -13.60
CA TYR A 151 26.16 -8.58 -13.53
C TYR A 151 25.61 -8.47 -12.10
N LEU A 152 24.38 -7.96 -12.00
CA LEU A 152 23.68 -7.83 -10.74
C LEU A 152 22.44 -8.69 -10.77
N VAL A 153 22.19 -9.39 -9.68
CA VAL A 153 20.97 -10.14 -9.52
C VAL A 153 20.24 -9.57 -8.33
N PHE A 154 18.93 -9.35 -8.46
CA PHE A 154 18.18 -8.74 -7.38
C PHE A 154 16.76 -9.24 -7.24
N TYR A 155 16.20 -8.98 -6.06
CA TYR A 155 14.88 -9.49 -5.65
C TYR A 155 14.16 -8.37 -4.92
N ASN A 156 12.96 -8.02 -5.38
CA ASN A 156 12.15 -7.01 -4.69
C ASN A 156 11.03 -7.73 -3.96
N CYS A 157 11.14 -7.82 -2.64
CA CYS A 157 10.18 -8.61 -1.85
C CYS A 157 9.20 -7.72 -1.08
N GLY A 158 7.93 -7.82 -1.40
CA GLY A 158 6.91 -7.11 -0.66
C GLY A 158 6.48 -5.78 -1.27
N PRO A 159 5.37 -5.22 -0.77
CA PRO A 159 4.70 -4.01 -1.25
C PRO A 159 5.55 -2.74 -1.24
N HIS A 160 6.52 -2.62 -0.33
CA HIS A 160 7.37 -1.40 -0.31
C HIS A 160 8.68 -1.54 -1.08
N SER A 161 8.85 -2.67 -1.76
CA SER A 161 10.13 -3.01 -2.39
C SER A 161 10.29 -2.47 -3.80
N GLY A 162 9.18 -2.07 -4.41
CA GLY A 162 9.16 -1.66 -5.80
C GLY A 162 8.69 -2.81 -6.67
N SER A 163 8.42 -3.95 -6.04
CA SER A 163 7.85 -5.10 -6.71
C SER A 163 6.58 -4.67 -7.38
N SER A 164 6.51 -4.85 -8.70
CA SER A 164 5.29 -4.61 -9.45
C SER A 164 4.36 -5.82 -9.55
N GLN A 165 4.93 -7.00 -9.40
CA GLN A 165 4.22 -8.25 -9.70
C GLN A 165 4.25 -9.22 -8.54
N ASP A 166 3.19 -10.01 -8.40
CA ASP A 166 3.11 -10.96 -7.31
C ASP A 166 3.63 -12.36 -7.62
N HIS A 167 3.91 -12.64 -8.89
CA HIS A 167 4.49 -13.93 -9.27
C HIS A 167 5.99 -13.86 -9.02
N LYS A 168 6.51 -14.78 -8.21
CA LYS A 168 7.90 -14.69 -7.74
C LYS A 168 8.93 -14.71 -8.86
N HIS A 169 9.81 -13.72 -8.88
CA HIS A 169 10.84 -13.68 -9.91
C HIS A 169 12.08 -12.95 -9.39
N LEU A 170 13.27 -13.36 -9.84
CA LEU A 170 14.42 -12.52 -9.59
C LEU A 170 14.76 -11.80 -10.89
N GLN A 171 15.69 -10.86 -10.82
CA GLN A 171 16.05 -10.08 -12.00
C GLN A 171 17.55 -10.04 -12.14
N ILE A 172 18.00 -10.13 -13.38
CA ILE A 172 19.41 -10.10 -13.63
C ILE A 172 19.68 -9.03 -14.68
N MET A 173 20.69 -8.21 -14.45
CA MET A 173 21.04 -7.22 -15.43
C MET A 173 22.52 -6.92 -15.29
N GLN A 174 23.10 -6.54 -16.43
CA GLN A 174 24.45 -6.05 -16.53
C GLN A 174 24.54 -4.70 -15.82
N MET A 175 25.62 -4.49 -15.09
CA MET A 175 25.86 -3.23 -14.42
C MET A 175 26.66 -2.31 -15.35
N PRO A 176 26.58 -0.99 -15.12
CA PRO A 176 27.21 -0.09 -16.08
C PRO A 176 28.71 -0.30 -16.03
N GLU A 177 29.38 -0.14 -17.16
CA GLU A 177 30.81 -0.45 -17.26
C GLU A 177 31.72 0.16 -16.20
N LYS A 178 31.65 1.47 -15.99
CA LYS A 178 32.59 2.08 -15.04
C LYS A 178 32.05 2.28 -13.62
N PHE A 179 30.83 1.85 -13.38
CA PHE A 179 30.17 2.16 -12.12
C PHE A 179 30.73 1.37 -10.94
N ILE A 180 31.13 2.07 -9.87
CA ILE A 180 31.51 1.39 -8.64
C ILE A 180 30.49 1.69 -7.55
N PRO A 181 29.65 0.69 -7.20
CA PRO A 181 28.67 0.84 -6.13
C PRO A 181 29.35 0.88 -4.79
N PHE A 182 28.74 1.54 -3.82
CA PHE A 182 29.39 1.71 -2.53
C PHE A 182 29.67 0.38 -1.85
N GLN A 183 28.83 -0.63 -2.12
CA GLN A 183 29.05 -1.95 -1.54
C GLN A 183 30.45 -2.48 -1.87
N ASP A 184 30.92 -2.19 -3.08
CA ASP A 184 32.27 -2.60 -3.49
C ASP A 184 33.35 -2.10 -2.54
N VAL A 185 33.37 -0.79 -2.29
CA VAL A 185 34.43 -0.22 -1.48
C VAL A 185 34.23 -0.73 -0.08
N LEU A 186 32.98 -0.90 0.30
CA LEU A 186 32.64 -1.41 1.61
C LEU A 186 33.33 -2.77 1.82
N CYS A 187 33.22 -3.64 0.83
CA CYS A 187 33.74 -5.00 0.96
C CYS A 187 35.20 -5.18 0.54
N ASN A 188 35.78 -4.18 -0.12
CA ASN A 188 37.11 -4.37 -0.72
C ASN A 188 38.18 -4.78 0.29
N GLY A 189 38.98 -5.77 -0.09
CA GLY A 189 40.02 -6.30 0.76
C GLY A 189 39.51 -6.88 2.05
N LYS A 190 38.19 -7.10 2.15
CA LYS A 190 37.62 -7.73 3.35
C LYS A 190 37.13 -9.12 3.04
N ASP A 191 37.75 -10.11 3.66
CA ASP A 191 37.44 -11.49 3.33
C ASP A 191 36.02 -11.88 3.70
N HIS A 192 35.52 -12.90 3.02
CA HIS A 192 34.22 -13.43 3.39
C HIS A 192 34.23 -13.80 4.88
N PHE A 193 33.10 -13.55 5.54
CA PHE A 193 32.87 -14.01 6.91
C PHE A 193 31.38 -14.11 7.10
N LEU A 194 30.97 -14.53 8.29
CA LEU A 194 29.57 -14.47 8.65
C LEU A 194 29.40 -13.72 9.98
N PRO A 195 28.23 -13.09 10.18
CA PRO A 195 27.97 -12.33 11.40
C PRO A 195 28.08 -13.20 12.65
N THR A 196 28.35 -12.58 13.78
CA THR A 196 28.21 -13.20 15.10
C THR A 196 27.89 -12.09 16.08
N PHE A 197 27.99 -12.38 17.37
CA PHE A 197 27.73 -11.34 18.37
C PHE A 197 28.87 -10.32 18.38
N ASN A 198 30.07 -10.75 18.02
CA ASN A 198 31.20 -9.84 17.86
C ASN A 198 31.22 -9.11 16.52
N ALA A 199 30.96 -9.83 15.43
CA ALA A 199 31.03 -9.27 14.08
C ALA A 199 29.69 -9.20 13.36
N GLU A 200 29.16 -7.98 13.23
CA GLU A 200 27.92 -7.74 12.48
C GLU A 200 28.19 -7.63 10.97
N PRO A 201 27.17 -7.85 10.14
CA PRO A 201 27.29 -7.57 8.69
C PRO A 201 27.86 -6.18 8.42
N LEU A 202 28.62 -6.02 7.35
CA LEU A 202 29.10 -4.69 6.98
C LEU A 202 27.95 -3.75 6.64
N GLN A 203 28.07 -2.52 7.10
CA GLN A 203 27.12 -1.47 6.74
C GLN A 203 27.89 -0.16 6.64
N ASP A 204 27.67 0.60 5.57
CA ASP A 204 28.39 1.85 5.36
C ASP A 204 27.72 2.92 6.20
N ASP A 205 28.50 3.56 7.07
CA ASP A 205 27.96 4.58 7.98
C ASP A 205 27.69 5.93 7.29
N LYS A 206 28.36 6.17 6.16
CA LYS A 206 28.20 7.43 5.46
C LYS A 206 26.82 7.58 4.81
N VAL A 207 26.21 6.48 4.42
CA VAL A 207 24.90 6.53 3.75
C VAL A 207 23.73 6.67 4.75
N SER A 208 22.62 7.23 4.28
CA SER A 208 21.54 7.62 5.18
C SER A 208 20.73 6.43 5.69
N PHE A 209 20.80 5.33 4.95
CA PHE A 209 19.80 4.26 5.06
C PHE A 209 20.34 2.95 5.64
N ALA A 210 19.47 2.16 6.25
CA ALA A 210 19.81 0.84 6.78
C ALA A 210 20.09 -0.18 5.68
N HIS A 211 21.22 -0.87 5.79
CA HIS A 211 21.57 -1.93 4.83
C HIS A 211 22.58 -2.88 5.45
N PHE A 212 22.66 -4.09 4.90
CA PHE A 212 23.53 -5.10 5.46
C PHE A 212 24.17 -5.91 4.35
N VAL A 213 25.48 -6.09 4.47
CA VAL A 213 26.26 -6.63 3.38
C VAL A 213 27.24 -7.64 3.93
N LEU A 214 27.43 -8.74 3.21
CA LEU A 214 28.56 -9.61 3.49
C LEU A 214 29.35 -9.72 2.22
N PRO A 215 30.68 -9.65 2.31
CA PRO A 215 31.49 -9.97 1.14
C PRO A 215 31.36 -11.46 0.83
N LEU A 216 31.55 -11.85 -0.42
CA LEU A 216 31.58 -13.25 -0.78
C LEU A 216 33.02 -13.60 -1.16
N PRO A 217 33.39 -14.87 -1.02
CA PRO A 217 34.74 -15.32 -1.37
C PRO A 217 35.08 -14.91 -2.80
N GLU A 218 36.35 -14.63 -3.08
CA GLU A 218 36.77 -14.26 -4.43
C GLU A 218 36.48 -15.38 -5.43
N SER A 219 36.73 -16.61 -5.01
CA SER A 219 36.66 -17.76 -5.90
C SER A 219 35.35 -18.55 -5.75
N SER A 220 34.75 -18.93 -6.88
CA SER A 220 33.47 -19.65 -6.87
C SER A 220 33.61 -21.06 -6.32
N ASP A 221 34.84 -21.50 -6.12
CA ASP A 221 35.07 -22.79 -5.49
C ASP A 221 34.78 -22.73 -3.97
N GLN A 222 34.88 -21.54 -3.39
CA GLN A 222 34.58 -21.39 -1.97
C GLN A 222 33.09 -21.13 -1.71
N VAL A 223 32.29 -21.07 -2.78
CA VAL A 223 30.88 -20.71 -2.64
C VAL A 223 29.98 -21.91 -2.88
N ASP A 224 29.14 -22.23 -1.92
CA ASP A 224 28.20 -23.30 -2.15
C ASP A 224 26.86 -22.82 -1.67
N GLU A 225 25.87 -23.69 -1.72
CA GLU A 225 24.53 -23.30 -1.33
C GLU A 225 24.52 -22.84 0.13
N ASP A 226 25.06 -23.68 1.01
CA ASP A 226 24.98 -23.41 2.44
C ASP A 226 25.65 -22.11 2.83
N LEU A 227 26.73 -21.74 2.15
CA LEU A 227 27.39 -20.48 2.48
C LEU A 227 26.41 -19.35 2.12
N LEU A 228 25.91 -19.41 0.90
CA LEU A 228 24.93 -18.44 0.42
C LEU A 228 23.71 -18.38 1.33
N ALA A 229 23.14 -19.54 1.63
CA ALA A 229 21.97 -19.60 2.52
C ALA A 229 22.22 -18.95 3.89
N MET A 230 23.40 -19.21 4.48
CA MET A 230 23.75 -18.66 5.80
C MET A 230 24.00 -17.17 5.73
N CYS A 231 24.52 -16.73 4.59
CA CYS A 231 24.68 -15.31 4.35
C CYS A 231 23.32 -14.63 4.33
N TYR A 232 22.38 -15.20 3.60
CA TYR A 232 21.05 -14.62 3.43
C TYR A 232 20.26 -14.63 4.75
N VAL A 233 20.24 -15.77 5.43
CA VAL A 233 19.53 -15.87 6.71
C VAL A 233 20.01 -14.84 7.72
N SER A 234 21.33 -14.69 7.83
CA SER A 234 21.85 -13.74 8.80
C SER A 234 21.62 -12.29 8.38
N LEU A 235 21.60 -12.04 7.08
CA LEU A 235 21.25 -10.70 6.66
C LEU A 235 19.77 -10.50 6.92
N MET A 236 18.97 -11.50 6.58
CA MET A 236 17.53 -11.40 6.80
C MET A 236 17.20 -11.05 8.26
N GLN A 237 17.85 -11.71 9.20
CA GLN A 237 17.57 -11.49 10.61
C GLN A 237 17.81 -10.04 11.01
N ARG A 238 18.75 -9.37 10.38
CA ARG A 238 18.93 -7.96 10.67
C ARG A 238 17.84 -7.12 10.03
N ALA A 239 17.40 -7.54 8.83
CA ALA A 239 16.41 -6.77 8.08
C ALA A 239 15.04 -6.88 8.71
N LEU A 240 14.80 -8.00 9.36
CA LEU A 240 13.49 -8.30 9.91
C LEU A 240 13.19 -7.49 11.15
N THR A 241 14.24 -7.10 11.87
CA THR A 241 14.03 -6.35 13.09
C THR A 241 13.27 -5.03 12.85
N PHE A 242 13.25 -4.51 11.61
CA PHE A 242 12.48 -3.27 11.36
C PHE A 242 10.97 -3.54 11.25
N PHE A 243 10.63 -4.82 11.10
CA PHE A 243 9.25 -5.27 10.97
C PHE A 243 8.71 -5.99 12.22
N GLN A 244 9.36 -7.07 12.64
CA GLN A 244 8.96 -7.76 13.87
C GLN A 244 9.61 -7.16 15.13
N ASP A 245 8.85 -7.15 16.22
CA ASP A 245 9.30 -6.52 17.47
C ASP A 245 9.32 -7.53 18.63
N TRP A 246 10.52 -7.82 19.14
CA TRP A 246 10.71 -8.82 20.18
C TRP A 246 10.23 -8.40 21.57
N THR A 247 10.05 -7.10 21.78
CA THR A 247 9.52 -6.63 23.06
C THR A 247 8.01 -6.72 23.05
N ASN A 248 7.44 -6.98 21.87
CA ASN A 248 5.98 -7.03 21.68
C ASN A 248 5.28 -5.75 22.10
N GLU A 249 6.02 -4.65 22.03
CA GLU A 249 5.47 -3.36 22.38
C GLU A 249 4.91 -2.72 21.10
N SER A 250 5.07 -3.44 19.99
CA SER A 250 4.51 -3.09 18.68
C SER A 250 4.04 -4.36 17.97
N PRO A 251 2.94 -4.27 17.21
CA PRO A 251 2.53 -5.39 16.36
C PRO A 251 3.36 -5.46 15.08
N GLU A 252 3.44 -6.64 14.46
CA GLU A 252 4.25 -6.81 13.25
C GLU A 252 3.87 -5.82 12.17
N LEU A 253 4.85 -5.44 11.35
CA LEU A 253 4.54 -4.73 10.11
C LEU A 253 4.65 -5.71 8.94
N THR A 254 4.27 -5.25 7.75
CA THR A 254 4.39 -6.09 6.58
C THR A 254 5.84 -6.04 6.11
N LYS A 255 6.44 -7.22 5.91
CA LYS A 255 7.83 -7.31 5.49
C LYS A 255 8.04 -6.79 4.06
N SER A 256 9.04 -5.93 3.86
CA SER A 256 9.53 -5.60 2.52
C SER A 256 11.03 -5.37 2.52
N TYR A 257 11.72 -5.95 1.54
CA TYR A 257 13.15 -5.73 1.45
C TYR A 257 13.69 -5.93 0.03
N ASN A 258 14.87 -5.38 -0.23
CA ASN A 258 15.56 -5.67 -1.46
C ASN A 258 16.71 -6.62 -1.16
N VAL A 259 16.86 -7.65 -1.99
CA VAL A 259 18.08 -8.44 -1.97
C VAL A 259 18.90 -8.06 -3.18
N LEU A 260 20.18 -7.77 -2.97
CA LEU A 260 21.07 -7.55 -4.11
C LEU A 260 22.19 -8.56 -4.03
N LEU A 261 22.51 -9.20 -5.15
CA LEU A 261 23.58 -10.19 -5.20
C LEU A 261 24.51 -9.98 -6.39
N THR A 262 25.80 -9.81 -6.13
CA THR A 262 26.79 -9.83 -7.18
C THR A 262 27.77 -10.96 -6.87
N LYS A 263 28.80 -11.09 -7.69
CA LYS A 263 29.79 -12.10 -7.38
C LYS A 263 30.62 -11.74 -6.14
N LYS A 264 30.83 -10.44 -5.90
CA LYS A 264 31.68 -10.01 -4.80
C LYS A 264 30.99 -9.83 -3.43
N TRP A 265 29.67 -9.70 -3.42
CA TRP A 265 28.96 -9.49 -2.17
C TRP A 265 27.47 -9.76 -2.27
N ILE A 266 26.82 -9.92 -1.12
CA ILE A 266 25.37 -10.00 -1.03
C ILE A 266 24.84 -8.97 -0.01
N CYS A 267 23.67 -8.42 -0.28
CA CYS A 267 23.18 -7.29 0.49
C CYS A 267 21.66 -7.34 0.67
N VAL A 268 21.18 -6.95 1.85
CA VAL A 268 19.74 -6.84 2.10
C VAL A 268 19.38 -5.44 2.61
N VAL A 269 18.34 -4.86 2.02
CA VAL A 269 17.82 -3.55 2.43
C VAL A 269 16.37 -3.58 2.85
N PRO A 270 16.10 -3.29 4.14
CA PRO A 270 14.72 -3.16 4.63
C PRO A 270 14.09 -1.92 4.02
N ARG A 271 12.83 -2.02 3.60
CA ARG A 271 12.17 -0.98 2.83
C ARG A 271 10.86 -0.50 3.48
N SER A 272 10.78 0.80 3.76
CA SER A 272 9.57 1.45 4.29
C SER A 272 8.52 1.89 3.25
N HIS A 273 9.00 2.38 2.10
CA HIS A 273 8.12 2.89 1.04
C HIS A 273 8.66 2.60 -0.36
N ALA A 274 7.76 2.18 -1.25
CA ALA A 274 8.10 1.91 -2.66
C ALA A 274 8.56 3.17 -3.37
N LYS A 275 7.93 4.29 -3.03
CA LYS A 275 8.20 5.55 -3.70
C LYS A 275 8.60 6.61 -2.69
N SER A 276 9.52 7.46 -3.11
CA SER A 276 10.07 8.54 -2.29
C SER A 276 9.17 9.77 -2.19
N GLY A 277 9.51 10.64 -1.24
CA GLY A 277 8.77 11.85 -0.93
C GLY A 277 8.96 12.99 -1.94
N PRO A 278 8.76 14.23 -1.50
CA PRO A 278 8.36 15.37 -2.35
C PRO A 278 9.25 15.75 -3.56
N PRO A 279 10.58 15.92 -3.37
CA PRO A 279 11.19 16.55 -4.54
C PRO A 279 11.20 15.66 -5.81
N LEU A 280 11.70 14.44 -5.65
CA LEU A 280 11.74 13.48 -6.74
C LEU A 280 10.51 12.59 -6.92
N MET A 281 9.98 12.07 -5.81
CA MET A 281 9.00 10.99 -5.86
C MET A 281 9.40 9.84 -6.82
N LEU A 282 10.63 9.35 -6.66
CA LEU A 282 11.16 8.22 -7.42
C LEU A 282 10.53 6.89 -7.02
N ASN A 283 10.25 6.02 -7.98
CA ASN A 283 9.98 4.63 -7.65
C ASN A 283 11.32 3.93 -7.44
N ILE A 284 11.58 3.44 -6.22
CA ILE A 284 12.86 2.80 -5.91
C ILE A 284 12.73 1.29 -5.77
N ASN A 285 13.53 0.56 -6.54
CA ASN A 285 13.62 -0.89 -6.44
C ASN A 285 15.03 -1.23 -5.93
N SER A 286 15.41 -2.51 -5.95
CA SER A 286 16.73 -2.94 -5.50
C SER A 286 17.86 -2.09 -6.08
N THR A 287 17.78 -1.77 -7.38
CA THR A 287 18.89 -1.12 -8.06
C THR A 287 19.20 0.23 -7.40
N GLY A 288 18.18 0.89 -6.89
CA GLY A 288 18.42 2.14 -6.18
C GLY A 288 19.47 2.02 -5.09
N TYR A 289 19.52 0.87 -4.43
CA TYR A 289 20.34 0.72 -3.23
C TYR A 289 21.79 0.30 -3.45
N CYS A 290 22.14 0.03 -4.70
CA CYS A 290 23.54 0.05 -5.09
C CYS A 290 23.83 1.36 -5.80
N GLY A 291 22.82 2.22 -5.91
CA GLY A 291 23.01 3.56 -6.47
C GLY A 291 22.58 3.82 -7.91
N MET A 292 21.80 2.91 -8.49
CA MET A 292 21.26 3.11 -9.82
C MET A 292 19.86 3.71 -9.80
N ILE A 293 19.74 4.94 -10.30
CA ILE A 293 18.45 5.63 -10.28
C ILE A 293 17.88 5.81 -11.68
N LEU A 294 16.59 5.51 -11.81
CA LEU A 294 15.88 5.75 -13.05
C LEU A 294 14.95 6.97 -12.87
N VAL A 295 15.12 7.98 -13.72
CA VAL A 295 14.23 9.14 -13.73
C VAL A 295 13.54 9.29 -15.09
N LYS A 296 12.25 9.64 -15.06
CA LYS A 296 11.45 9.76 -16.29
C LYS A 296 11.34 11.18 -16.88
N ASP A 297 11.78 12.22 -16.17
CA ASP A 297 11.65 13.58 -16.72
C ASP A 297 12.84 14.52 -16.47
N ARG A 298 13.07 15.46 -17.40
CA ARG A 298 14.31 16.24 -17.41
C ARG A 298 14.43 17.30 -16.30
N GLU A 299 13.32 17.68 -15.69
CA GLU A 299 13.39 18.59 -14.56
C GLU A 299 14.05 17.85 -13.40
N LYS A 300 13.54 16.65 -13.11
CA LYS A 300 14.13 15.80 -12.09
C LYS A 300 15.60 15.52 -12.38
N LEU A 301 15.90 15.20 -13.63
CA LEU A 301 17.28 14.90 -13.97
C LEU A 301 18.21 16.07 -13.61
N GLU A 302 17.77 17.31 -13.86
CA GLU A 302 18.60 18.45 -13.51
C GLU A 302 18.63 18.78 -12.01
N ASN A 303 17.53 18.53 -11.31
CA ASN A 303 17.53 18.58 -9.84
C ASN A 303 18.69 17.77 -9.24
N LEU A 304 18.80 16.52 -9.68
CA LEU A 304 19.79 15.57 -9.14
C LEU A 304 21.20 15.91 -9.58
N THR A 305 21.33 16.33 -10.83
CA THR A 305 22.60 16.80 -11.33
C THR A 305 23.11 17.92 -10.43
N GLU A 306 22.29 18.95 -10.23
CA GLU A 306 22.63 20.06 -9.34
C GLU A 306 22.91 19.57 -7.92
N ASP A 307 22.04 18.71 -7.40
CA ASP A 307 22.22 18.19 -6.05
C ASP A 307 22.11 16.65 -5.96
N PRO A 308 23.24 15.97 -6.21
CA PRO A 308 23.33 14.50 -6.11
C PRO A 308 22.92 13.98 -4.74
N HIS A 309 22.98 14.83 -3.73
CA HIS A 309 22.64 14.36 -2.39
C HIS A 309 21.14 14.04 -2.23
N LEU A 310 20.33 14.46 -3.20
CA LEU A 310 18.91 14.11 -3.17
C LEU A 310 18.69 12.59 -3.13
N VAL A 311 19.52 11.86 -3.89
CA VAL A 311 19.41 10.41 -3.98
C VAL A 311 19.54 9.79 -2.61
N ASP A 312 20.55 10.22 -1.87
CA ASP A 312 20.74 9.74 -0.52
C ASP A 312 19.50 10.02 0.33
N LYS A 313 18.89 11.18 0.13
CA LYS A 313 17.70 11.55 0.88
C LYS A 313 16.51 10.68 0.48
N SER A 314 16.38 10.43 -0.82
CA SER A 314 15.32 9.55 -1.34
C SER A 314 15.48 8.14 -0.82
N LEU A 315 16.70 7.65 -0.78
CA LEU A 315 16.96 6.30 -0.30
C LEU A 315 16.55 6.13 1.16
N LEU A 316 16.68 7.20 1.94
CA LEU A 316 16.26 7.19 3.33
C LEU A 316 14.74 7.10 3.42
N GLN A 317 14.04 7.96 2.68
CA GLN A 317 12.58 7.96 2.68
C GLN A 317 12.01 6.58 2.35
N CYS A 318 12.64 5.89 1.41
CA CYS A 318 12.19 4.56 0.98
C CYS A 318 12.67 3.39 1.86
N GLY A 319 13.70 3.65 2.66
CA GLY A 319 14.20 2.70 3.64
C GLY A 319 13.97 3.11 5.09
N PHE A 320 14.84 2.60 5.95
CA PHE A 320 14.93 3.02 7.34
C PHE A 320 16.31 3.64 7.60
N PRO A 321 16.41 4.47 8.65
CA PRO A 321 17.69 5.15 8.89
C PRO A 321 18.81 4.17 9.23
N ASN A 322 20.04 4.55 8.90
CA ASN A 322 21.22 3.72 9.05
C ASN A 322 21.45 3.25 10.50
N THR A 323 21.59 1.94 10.70
CA THR A 323 21.86 1.35 12.02
C THR A 323 23.32 0.99 12.34
N ALA A 324 24.27 1.38 11.48
CA ALA A 324 25.65 0.94 11.65
C ALA A 324 26.17 1.18 13.08
N GLY A 325 26.81 0.16 13.65
CA GLY A 325 27.33 0.23 15.01
C GLY A 325 26.32 -0.06 16.11
N GLN A 326 25.22 -0.71 15.75
CA GLN A 326 24.16 -1.02 16.71
C GLN A 326 23.77 -2.48 16.67
N LYS A 327 23.45 -3.02 17.85
CA LYS A 327 22.84 -4.34 17.93
C LYS A 327 21.40 -4.27 17.43
N PRO A 328 21.00 -5.21 16.55
CA PRO A 328 19.61 -5.23 16.09
C PRO A 328 18.65 -5.34 17.27
N THR A 329 19.11 -5.97 18.35
CA THR A 329 18.27 -6.19 19.53
C THR A 329 17.80 -4.89 20.19
N GLU A 330 18.59 -3.83 20.12
CA GLU A 330 18.24 -2.58 20.79
C GLU A 330 17.42 -1.60 19.96
N TYR A 331 17.10 -1.99 18.72
CA TYR A 331 16.25 -1.16 17.87
C TYR A 331 14.91 -0.80 18.52
N HIS A 332 14.21 -1.81 19.04
CA HIS A 332 12.89 -1.62 19.62
C HIS A 332 12.90 -1.37 21.13
N TYR A 333 14.10 -1.28 21.71
CA TYR A 333 14.22 -1.23 23.15
C TYR A 333 14.77 0.11 23.65
N MET B 9 -16.07 -16.40 1.18
CA MET B 9 -15.01 -15.87 0.33
C MET B 9 -15.55 -14.84 -0.66
N ILE B 10 -14.98 -13.64 -0.62
CA ILE B 10 -15.43 -12.57 -1.49
C ILE B 10 -15.17 -12.94 -2.93
N GLU B 11 -16.16 -12.66 -3.77
CA GLU B 11 -16.08 -12.92 -5.20
C GLU B 11 -14.78 -12.34 -5.75
N GLU B 12 -14.13 -13.10 -6.62
CA GLU B 12 -12.87 -12.67 -7.22
C GLU B 12 -13.09 -11.51 -8.18
N ASN B 13 -12.03 -10.76 -8.48
CA ASN B 13 -12.11 -9.68 -9.46
C ASN B 13 -13.23 -8.70 -9.14
N LEU B 14 -13.53 -8.52 -7.87
CA LEU B 14 -14.67 -7.70 -7.49
C LEU B 14 -14.48 -6.27 -8.02
N LYS B 15 -13.28 -5.75 -7.85
CA LYS B 15 -12.96 -4.41 -8.35
C LYS B 15 -13.35 -4.19 -9.82
N GLN B 16 -12.98 -5.11 -10.69
CA GLN B 16 -13.30 -4.99 -12.11
C GLN B 16 -14.80 -5.17 -12.35
N LYS B 17 -15.43 -6.05 -11.56
CA LYS B 17 -16.88 -6.27 -11.71
C LYS B 17 -17.70 -5.03 -11.37
N ILE B 18 -17.28 -4.32 -10.32
CA ILE B 18 -17.95 -3.11 -9.92
C ILE B 18 -17.78 -2.07 -11.02
N HIS B 19 -16.54 -1.91 -11.44
CA HIS B 19 -16.24 -0.96 -12.52
C HIS B 19 -17.09 -1.23 -13.76
N ASP B 20 -17.05 -2.47 -14.24
CA ASP B 20 -17.77 -2.83 -15.46
C ASP B 20 -19.23 -2.63 -15.31
N LYS B 21 -19.76 -2.95 -14.14
CA LYS B 21 -21.19 -2.85 -13.96
C LYS B 21 -21.57 -1.37 -13.94
N PHE B 22 -20.71 -0.57 -13.33
CA PHE B 22 -20.96 0.86 -13.21
C PHE B 22 -20.92 1.54 -14.58
N VAL B 23 -19.86 1.31 -15.36
CA VAL B 23 -19.79 1.89 -16.69
C VAL B 23 -21.06 1.59 -17.47
N ALA B 24 -21.52 0.36 -17.40
CA ALA B 24 -22.68 -0.08 -18.18
C ALA B 24 -24.00 0.56 -17.72
N ALA B 25 -24.15 0.76 -16.42
CA ALA B 25 -25.38 1.36 -15.88
C ALA B 25 -25.38 2.87 -16.15
N LYS B 26 -24.20 3.46 -16.21
CA LYS B 26 -24.05 4.86 -16.61
C LYS B 26 -24.45 4.97 -18.08
N LYS B 27 -23.81 4.18 -18.94
CA LYS B 27 -24.10 4.20 -20.38
C LYS B 27 -25.59 4.16 -20.72
N ASN B 28 -26.32 3.23 -20.11
CA ASN B 28 -27.74 3.10 -20.43
C ASN B 28 -28.72 3.88 -19.52
N GLY B 29 -28.19 4.71 -18.63
CA GLY B 29 -29.04 5.55 -17.80
C GLY B 29 -29.82 4.82 -16.71
N HIS B 30 -29.47 3.57 -16.42
CA HIS B 30 -30.07 2.86 -15.28
C HIS B 30 -29.46 3.39 -13.98
N LEU B 31 -28.38 4.14 -14.15
CA LEU B 31 -27.70 4.83 -13.05
C LEU B 31 -27.41 6.28 -13.50
N LYS B 32 -27.67 7.24 -12.62
CA LYS B 32 -27.46 8.65 -12.96
C LYS B 32 -26.51 9.35 -11.98
N VAL B 33 -25.32 9.73 -12.46
CA VAL B 33 -24.31 10.37 -11.62
C VAL B 33 -24.62 11.85 -11.37
N THR B 34 -24.71 12.21 -10.09
CA THR B 34 -24.88 13.61 -9.71
C THR B 34 -23.60 14.39 -9.99
N HIS B 35 -23.75 15.48 -10.72
CA HIS B 35 -22.62 16.33 -11.04
C HIS B 35 -22.13 17.08 -9.81
N ALA B 36 -20.82 17.11 -9.61
CA ALA B 36 -20.28 17.76 -8.44
C ALA B 36 -18.84 18.17 -8.68
N GLU B 37 -18.37 19.06 -7.80
CA GLU B 37 -16.98 19.43 -7.75
C GLU B 37 -16.55 19.49 -6.29
N SER B 38 -15.26 19.29 -6.02
CA SER B 38 -14.80 19.16 -4.64
C SER B 38 -13.50 19.89 -4.40
N LYS B 39 -13.28 20.29 -3.15
CA LYS B 39 -12.01 20.90 -2.77
C LYS B 39 -11.66 20.66 -1.28
N LYS B 40 -10.40 20.88 -0.94
CA LYS B 40 -9.93 20.85 0.44
C LYS B 40 -10.26 22.14 1.16
N LEU B 41 -10.38 22.03 2.47
CA LEU B 41 -10.41 23.17 3.38
C LEU B 41 -9.65 22.72 4.62
N LYS B 42 -9.15 23.68 5.37
CA LYS B 42 -8.44 23.35 6.59
C LYS B 42 -9.03 24.19 7.70
N ASP B 43 -9.31 23.55 8.81
CA ASP B 43 -9.89 24.24 9.95
C ASP B 43 -8.78 25.07 10.61
N PRO B 44 -8.94 26.39 10.66
CA PRO B 44 -7.87 27.26 11.16
C PRO B 44 -7.50 26.92 12.60
N GLN B 45 -8.52 26.77 13.44
CA GLN B 45 -8.33 26.51 14.87
C GLN B 45 -7.99 25.06 15.19
N THR B 46 -8.75 24.14 14.61
CA THR B 46 -8.58 22.72 14.92
C THR B 46 -7.50 22.06 14.08
N THR B 47 -7.19 22.69 12.94
CA THR B 47 -6.23 22.15 11.98
C THR B 47 -6.81 20.96 11.20
N THR B 48 -8.00 20.55 11.59
CA THR B 48 -8.69 19.45 10.93
C THR B 48 -8.83 19.67 9.43
N GLN B 49 -8.57 18.63 8.67
CA GLN B 49 -8.64 18.68 7.21
C GLN B 49 -10.05 18.30 6.75
N TYR B 50 -10.65 19.11 5.87
CA TYR B 50 -11.98 18.82 5.34
C TYR B 50 -12.01 18.60 3.83
N TRP B 51 -12.99 17.82 3.38
CA TRP B 51 -13.19 17.64 1.94
C TRP B 51 -14.62 17.99 1.59
N VAL B 52 -14.78 19.04 0.80
CA VAL B 52 -16.10 19.59 0.52
C VAL B 52 -16.56 19.34 -0.89
N THR B 53 -17.65 18.60 -1.03
CA THR B 53 -18.22 18.33 -2.33
C THR B 53 -19.44 19.23 -2.50
N PHE B 54 -19.54 19.86 -3.67
CA PHE B 54 -20.65 20.78 -3.97
C PHE B 54 -21.51 20.22 -5.12
N ALA B 55 -22.77 19.89 -4.83
CA ALA B 55 -23.67 19.31 -5.84
C ALA B 55 -24.99 20.06 -5.91
N PRO B 56 -25.04 21.18 -6.66
CA PRO B 56 -26.22 22.05 -6.63
C PRO B 56 -27.50 21.41 -7.19
N SER B 57 -27.37 20.39 -8.02
CA SER B 57 -28.56 19.72 -8.55
C SER B 57 -29.33 19.01 -7.43
N LEU B 58 -28.68 18.82 -6.29
CA LEU B 58 -29.34 18.20 -5.12
C LEU B 58 -30.25 19.18 -4.37
N ALA B 59 -30.02 20.49 -4.56
CA ALA B 59 -30.84 21.53 -3.93
C ALA B 59 -32.32 21.42 -4.34
N LEU B 60 -32.53 21.29 -5.64
CA LEU B 60 -33.86 21.04 -6.20
C LEU B 60 -34.36 19.64 -5.81
N ALA B 72 -40.90 3.30 -4.37
CA ALA B 72 -41.81 2.46 -3.59
C ALA B 72 -41.09 1.57 -2.59
N GLU B 73 -41.73 1.36 -1.44
CA GLU B 73 -41.34 0.34 -0.47
C GLU B 73 -39.85 0.33 -0.13
N ASP B 74 -39.22 -0.83 -0.36
CA ASP B 74 -37.81 -1.03 -0.04
C ASP B 74 -37.01 -1.31 -1.30
N PRO B 75 -36.17 -0.34 -1.69
CA PRO B 75 -35.35 -0.35 -2.91
C PRO B 75 -34.38 -1.52 -3.01
N PHE B 76 -34.09 -2.17 -1.88
CA PHE B 76 -33.08 -3.22 -1.90
C PHE B 76 -33.69 -4.60 -1.99
N ALA B 77 -35.02 -4.65 -2.01
CA ALA B 77 -35.73 -5.92 -2.05
C ALA B 77 -35.63 -6.55 -3.43
N ASN B 78 -36.21 -5.85 -4.41
CA ASN B 78 -36.15 -6.29 -5.80
C ASN B 78 -35.48 -5.23 -6.65
N PRO B 79 -34.15 -5.13 -6.55
CA PRO B 79 -33.38 -4.10 -7.23
C PRO B 79 -33.27 -4.36 -8.73
N ASP B 80 -33.07 -3.29 -9.48
CA ASP B 80 -32.83 -3.40 -10.91
C ASP B 80 -31.56 -4.23 -11.15
N GLU B 81 -31.66 -5.27 -11.97
CA GLU B 81 -30.52 -6.17 -12.15
C GLU B 81 -29.28 -5.43 -12.70
N GLU B 82 -29.51 -4.29 -13.31
CA GLU B 82 -28.46 -3.44 -13.85
C GLU B 82 -27.52 -2.98 -12.74
N LEU B 83 -28.09 -2.86 -11.55
CA LEU B 83 -27.40 -2.31 -10.40
C LEU B 83 -26.79 -3.37 -9.49
N VAL B 84 -27.01 -4.65 -9.81
CA VAL B 84 -26.57 -5.70 -8.92
C VAL B 84 -25.21 -6.22 -9.36
N VAL B 85 -24.19 -5.94 -8.56
CA VAL B 85 -22.87 -6.38 -8.95
C VAL B 85 -22.72 -7.89 -8.72
N THR B 86 -23.21 -8.37 -7.58
CA THR B 86 -23.35 -9.81 -7.31
C THR B 86 -24.53 -10.01 -6.37
N GLU B 87 -25.24 -11.13 -6.55
CA GLU B 87 -26.37 -11.46 -5.68
C GLU B 87 -25.88 -12.10 -4.38
N ASP B 88 -24.69 -12.68 -4.43
CA ASP B 88 -24.12 -13.29 -3.24
C ASP B 88 -22.66 -12.94 -3.08
N LEU B 89 -22.35 -12.03 -2.17
CA LEU B 89 -21.00 -11.49 -2.11
C LEU B 89 -19.99 -12.53 -1.61
N ASN B 90 -20.38 -13.35 -0.64
CA ASN B 90 -19.59 -14.52 -0.26
C ASN B 90 -20.21 -15.84 -0.71
N GLY B 91 -19.60 -16.95 -0.33
CA GLY B 91 -20.22 -18.23 -0.58
C GLY B 91 -21.66 -18.23 -0.10
N ASP B 92 -21.85 -17.74 1.13
CA ASP B 92 -23.15 -17.72 1.81
C ASP B 92 -24.10 -16.66 1.27
N GLY B 93 -25.38 -16.84 1.59
CA GLY B 93 -26.48 -16.02 1.09
C GLY B 93 -26.73 -14.80 1.96
N GLU B 94 -25.68 -14.31 2.61
CA GLU B 94 -25.78 -13.17 3.52
C GLU B 94 -25.92 -11.80 2.83
N TYR B 95 -25.10 -11.54 1.82
CA TYR B 95 -25.09 -10.20 1.22
C TYR B 95 -25.14 -10.19 -0.28
N LYS B 96 -25.73 -9.12 -0.79
CA LYS B 96 -25.64 -8.77 -2.19
C LYS B 96 -24.91 -7.43 -2.24
N LEU B 97 -24.32 -7.13 -3.40
CA LEU B 97 -23.61 -5.88 -3.55
C LEU B 97 -24.28 -5.10 -4.68
N LEU B 98 -24.83 -3.93 -4.34
CA LEU B 98 -25.53 -3.09 -5.29
C LEU B 98 -24.76 -1.82 -5.58
N LEU B 99 -24.93 -1.29 -6.79
CA LEU B 99 -24.45 0.04 -7.14
C LEU B 99 -25.45 1.03 -6.62
N ASN B 100 -24.97 2.10 -5.99
CA ASN B 100 -25.82 3.23 -5.63
C ASN B 100 -26.34 3.85 -6.94
N LYS B 101 -27.65 4.00 -7.05
CA LYS B 101 -28.30 4.51 -8.26
C LYS B 101 -28.07 5.99 -8.52
N PHE B 102 -27.88 6.77 -7.47
CA PHE B 102 -27.68 8.22 -7.63
C PHE B 102 -26.42 8.69 -6.92
N PRO B 103 -25.26 8.15 -7.34
CA PRO B 103 -23.96 8.44 -6.71
C PRO B 103 -23.44 9.85 -7.02
N VAL B 104 -22.80 10.47 -6.04
CA VAL B 104 -21.86 11.56 -6.27
C VAL B 104 -20.46 10.98 -6.57
N VAL B 105 -20.09 9.97 -5.79
CA VAL B 105 -18.78 9.35 -5.95
C VAL B 105 -18.96 8.13 -6.86
N PRO B 106 -18.22 8.08 -7.96
CA PRO B 106 -18.45 6.99 -8.91
C PRO B 106 -18.12 5.61 -8.33
N GLU B 107 -18.94 4.62 -8.68
CA GLU B 107 -18.72 3.25 -8.24
C GLU B 107 -19.12 3.01 -6.78
N HIS B 108 -19.64 4.06 -6.13
CA HIS B 108 -20.13 4.00 -4.77
C HIS B 108 -21.15 2.87 -4.70
N SER B 109 -20.95 1.93 -3.76
CA SER B 109 -21.75 0.71 -3.73
C SER B 109 -22.32 0.43 -2.37
N LEU B 110 -23.29 -0.48 -2.32
CA LEU B 110 -24.00 -0.84 -1.10
C LEU B 110 -23.95 -2.33 -0.82
N LEU B 111 -23.51 -2.70 0.40
CA LEU B 111 -23.56 -4.08 0.87
C LEU B 111 -24.88 -4.22 1.57
N VAL B 112 -25.75 -5.02 1.00
CA VAL B 112 -27.10 -5.09 1.48
C VAL B 112 -27.38 -6.51 1.93
N THR B 113 -28.07 -6.68 3.06
CA THR B 113 -28.34 -8.03 3.51
C THR B 113 -29.32 -8.65 2.52
N SER B 114 -29.05 -9.88 2.11
CA SER B 114 -29.90 -10.53 1.13
C SER B 114 -31.33 -10.53 1.63
N GLU B 115 -31.48 -10.77 2.93
CA GLU B 115 -32.77 -10.77 3.60
C GLU B 115 -32.93 -9.43 4.30
N PHE B 116 -34.15 -8.91 4.35
CA PHE B 116 -34.37 -7.70 5.10
C PHE B 116 -33.94 -7.85 6.56
N LYS B 117 -33.09 -6.94 6.99
CA LYS B 117 -32.80 -6.76 8.39
C LYS B 117 -32.85 -5.27 8.64
N ASP B 118 -32.84 -4.87 9.90
CA ASP B 118 -33.08 -3.47 10.21
C ASP B 118 -31.79 -2.68 10.35
N GLN B 119 -31.84 -1.47 9.83
CA GLN B 119 -30.71 -0.55 9.86
C GLN B 119 -30.33 -0.18 11.29
N ARG B 120 -31.25 -0.42 12.24
CA ARG B 120 -30.97 -0.09 13.65
C ARG B 120 -30.06 -1.08 14.33
N SER B 121 -29.88 -2.24 13.69
CA SER B 121 -29.13 -3.32 14.32
C SER B 121 -27.62 -3.12 14.19
N ALA B 122 -26.90 -3.63 15.18
CA ALA B 122 -25.46 -3.47 15.25
C ALA B 122 -24.79 -4.24 14.14
N LEU B 123 -23.56 -3.88 13.81
CA LEU B 123 -22.79 -4.69 12.89
C LEU B 123 -22.28 -5.90 13.63
N THR B 124 -22.58 -7.07 13.09
CA THR B 124 -22.04 -8.31 13.60
C THR B 124 -20.57 -8.45 13.21
N PRO B 125 -19.87 -9.41 13.84
CA PRO B 125 -18.47 -9.70 13.48
C PRO B 125 -18.32 -10.11 12.02
N SER B 126 -19.30 -10.85 11.51
CA SER B 126 -19.28 -11.26 10.12
C SER B 126 -19.52 -10.10 9.15
N ASP B 127 -20.42 -9.17 9.52
CA ASP B 127 -20.61 -7.90 8.83
C ASP B 127 -19.28 -7.15 8.77
N LEU B 128 -18.63 -7.06 9.92
CA LEU B 128 -17.35 -6.39 10.01
C LEU B 128 -16.30 -7.04 9.13
N MET B 129 -16.18 -8.37 9.20
CA MET B 129 -15.19 -9.10 8.40
C MET B 129 -15.47 -9.01 6.90
N THR B 130 -16.74 -9.15 6.53
CA THR B 130 -17.10 -9.00 5.13
C THR B 130 -16.71 -7.60 4.60
N ALA B 131 -16.93 -6.58 5.43
CA ALA B 131 -16.65 -5.21 5.04
C ALA B 131 -15.15 -5.01 4.84
N TYR B 132 -14.38 -5.48 5.81
CA TYR B 132 -12.93 -5.36 5.73
C TYR B 132 -12.40 -6.10 4.52
N ASN B 133 -12.96 -7.27 4.24
CA ASN B 133 -12.47 -8.06 3.11
C ASN B 133 -12.76 -7.39 1.78
N VAL B 134 -13.96 -6.81 1.67
CA VAL B 134 -14.29 -6.03 0.51
C VAL B 134 -13.29 -4.90 0.30
N LEU B 135 -12.92 -4.21 1.39
CA LEU B 135 -11.89 -3.17 1.33
C LEU B 135 -10.60 -3.70 0.76
N CYS B 136 -10.07 -4.76 1.36
CA CYS B 136 -8.85 -5.39 0.88
C CYS B 136 -8.95 -5.73 -0.59
N SER B 137 -10.08 -6.31 -0.96
CA SER B 137 -10.33 -6.70 -2.33
C SER B 137 -10.23 -5.50 -3.28
N LEU B 138 -10.81 -4.37 -2.90
CA LEU B 138 -10.84 -3.21 -3.78
C LEU B 138 -9.53 -2.43 -3.75
N GLN B 139 -8.96 -2.31 -2.55
CA GLN B 139 -7.82 -1.42 -2.35
C GLN B 139 -6.56 -2.20 -2.69
N GLY B 140 -6.67 -3.52 -2.72
CA GLY B 140 -5.55 -4.38 -3.05
C GLY B 140 -4.54 -4.35 -1.92
N ASP B 141 -3.57 -5.26 -1.97
CA ASP B 141 -2.44 -5.21 -1.05
C ASP B 141 -1.33 -4.27 -1.52
N LYS B 142 -0.98 -4.35 -2.80
CA LYS B 142 0.25 -3.70 -3.26
C LYS B 142 0.25 -2.24 -2.86
N ASP B 143 -0.53 -1.43 -3.58
CA ASP B 143 -1.06 -0.20 -3.01
C ASP B 143 -0.12 0.38 -1.96
N ASP B 144 1.01 0.92 -2.38
CA ASP B 144 1.91 1.42 -1.38
C ASP B 144 1.26 2.65 -0.77
N ASP B 145 1.15 3.70 -1.57
CA ASP B 145 0.79 5.01 -1.05
C ASP B 145 -0.71 5.29 -0.97
N VAL B 146 -1.03 6.45 -0.42
CA VAL B 146 -2.30 7.13 -0.66
C VAL B 146 -1.94 8.07 -1.82
N THR B 147 -2.90 8.31 -2.71
CA THR B 147 -2.62 8.66 -4.11
C THR B 147 -2.56 7.35 -4.89
N CYS B 148 -2.63 6.25 -4.15
CA CYS B 148 -3.18 5.02 -4.68
C CYS B 148 -4.62 5.01 -4.15
N GLU B 149 -5.41 4.01 -4.54
CA GLU B 149 -6.84 4.09 -4.27
C GLU B 149 -7.22 3.56 -2.89
N ARG B 150 -7.78 4.45 -2.08
CA ARG B 150 -8.15 4.12 -0.73
C ARG B 150 -9.68 4.05 -0.62
N TYR B 151 -10.18 3.10 0.14
CA TYR B 151 -11.61 2.95 0.24
C TYR B 151 -12.12 3.12 1.68
N LEU B 152 -13.37 3.52 1.78
CA LEU B 152 -14.02 3.70 3.06
C LEU B 152 -15.29 2.87 3.08
N VAL B 153 -15.51 2.14 4.17
CA VAL B 153 -16.78 1.47 4.38
C VAL B 153 -17.47 2.12 5.56
N PHE B 154 -18.78 2.34 5.45
CA PHE B 154 -19.50 2.99 6.53
C PHE B 154 -20.95 2.52 6.72
N TYR B 155 -21.48 2.79 7.90
CA TYR B 155 -22.78 2.30 8.32
C TYR B 155 -23.42 3.38 9.14
N ASN B 156 -24.63 3.79 8.76
CA ASN B 156 -25.36 4.78 9.52
C ASN B 156 -26.41 4.02 10.31
N CYS B 157 -26.21 3.91 11.62
CA CYS B 157 -27.15 3.16 12.47
C CYS B 157 -28.02 4.11 13.29
N GLY B 158 -29.34 3.98 13.13
CA GLY B 158 -30.27 4.76 13.92
C GLY B 158 -30.84 5.99 13.23
N PRO B 159 -31.93 6.54 13.79
CA PRO B 159 -32.70 7.62 13.13
C PRO B 159 -31.94 8.93 12.98
N HIS B 160 -30.95 9.18 13.84
CA HIS B 160 -30.21 10.46 13.82
C HIS B 160 -28.88 10.38 13.09
N SER B 161 -28.64 9.26 12.41
CA SER B 161 -27.32 8.95 11.86
C SER B 161 -27.12 9.38 10.41
N GLY B 162 -28.17 9.87 9.77
CA GLY B 162 -28.11 10.17 8.35
C GLY B 162 -28.59 9.02 7.50
N SER B 163 -29.11 7.98 8.15
CA SER B 163 -29.62 6.79 7.45
C SER B 163 -30.84 7.09 6.58
N SER B 164 -30.77 6.74 5.29
CA SER B 164 -31.88 6.96 4.38
C SER B 164 -32.81 5.76 4.22
N GLN B 165 -32.40 4.60 4.72
CA GLN B 165 -33.12 3.38 4.39
C GLN B 165 -33.17 2.41 5.57
N ASP B 166 -34.33 1.80 5.78
CA ASP B 166 -34.54 0.88 6.90
C ASP B 166 -33.93 -0.52 6.70
N HIS B 167 -33.73 -0.90 5.44
CA HIS B 167 -33.14 -2.20 5.12
C HIS B 167 -31.61 -2.12 5.25
N LYS B 168 -31.09 -2.92 6.16
CA LYS B 168 -29.71 -2.85 6.62
C LYS B 168 -28.71 -2.88 5.47
N HIS B 169 -27.81 -1.91 5.43
CA HIS B 169 -26.82 -1.85 4.36
C HIS B 169 -25.61 -1.07 4.84
N LEU B 170 -24.43 -1.47 4.37
CA LEU B 170 -23.20 -0.71 4.59
C LEU B 170 -22.79 -0.09 3.25
N GLN B 171 -22.05 1.01 3.30
CA GLN B 171 -21.68 1.70 2.07
C GLN B 171 -20.20 1.66 1.83
N ILE B 172 -19.82 1.54 0.56
CA ILE B 172 -18.43 1.46 0.17
C ILE B 172 -18.14 2.54 -0.87
N MET B 173 -17.18 3.39 -0.57
CA MET B 173 -16.82 4.41 -1.55
C MET B 173 -15.35 4.67 -1.52
N GLN B 174 -14.84 5.06 -2.68
CA GLN B 174 -13.47 5.52 -2.80
C GLN B 174 -13.33 6.85 -2.08
N MET B 175 -12.26 6.99 -1.31
CA MET B 175 -11.90 8.26 -0.74
C MET B 175 -11.17 9.08 -1.81
N PRO B 176 -11.22 10.41 -1.68
CA PRO B 176 -10.58 11.26 -2.70
C PRO B 176 -9.08 11.17 -2.55
N GLU B 177 -8.36 11.24 -3.67
CA GLU B 177 -6.92 11.12 -3.64
C GLU B 177 -6.32 12.30 -2.89
N LYS B 178 -5.23 12.04 -2.18
CA LYS B 178 -4.50 13.11 -1.51
C LYS B 178 -5.18 13.61 -0.24
N PHE B 179 -6.44 13.22 -0.01
CA PHE B 179 -7.11 13.65 1.22
C PHE B 179 -6.68 12.85 2.44
N ILE B 180 -6.29 13.55 3.51
CA ILE B 180 -5.92 12.89 4.77
C ILE B 180 -6.90 13.23 5.92
N PRO B 181 -7.77 12.28 6.28
CA PRO B 181 -8.73 12.42 7.39
C PRO B 181 -7.96 12.50 8.71
N PHE B 182 -8.47 13.28 9.67
CA PHE B 182 -7.76 13.46 10.94
C PHE B 182 -7.49 12.12 11.63
N GLN B 183 -8.33 11.12 11.36
CA GLN B 183 -8.13 9.76 11.89
C GLN B 183 -6.75 9.19 11.54
N ASP B 184 -6.28 9.44 10.33
CA ASP B 184 -4.94 9.02 9.96
C ASP B 184 -3.91 9.68 10.87
N VAL B 185 -3.97 11.01 10.95
CA VAL B 185 -3.01 11.74 11.75
C VAL B 185 -3.06 11.26 13.19
N LEU B 186 -4.27 10.94 13.66
CA LEU B 186 -4.45 10.45 15.02
C LEU B 186 -3.74 9.12 15.25
N CYS B 187 -3.83 8.23 14.28
CA CYS B 187 -3.27 6.89 14.42
C CYS B 187 -1.78 6.80 14.11
N ASN B 188 -1.17 7.90 13.64
CA ASN B 188 0.20 7.83 13.18
C ASN B 188 1.24 8.44 14.11
N GLY B 189 2.21 7.62 14.50
CA GLY B 189 3.34 8.06 15.33
C GLY B 189 3.07 7.93 16.82
N LYS B 190 1.81 7.98 17.19
CA LYS B 190 1.38 7.60 18.52
C LYS B 190 1.40 6.08 18.47
N ASP B 191 1.58 5.59 17.24
CA ASP B 191 1.45 4.19 16.88
C ASP B 191 2.52 3.84 15.85
N HIS B 192 2.60 2.58 15.43
CA HIS B 192 1.66 1.53 15.83
C HIS B 192 1.76 1.10 17.29
N PHE B 193 0.61 1.00 17.95
CA PHE B 193 0.49 0.25 19.19
C PHE B 193 -0.62 -0.79 19.07
N LEU B 194 -0.61 -1.76 19.98
CA LEU B 194 -1.49 -2.92 19.90
C LEU B 194 -2.87 -2.68 20.55
N PRO B 195 -3.94 -2.80 19.74
CA PRO B 195 -5.37 -2.63 20.06
C PRO B 195 -6.02 -3.84 20.74
N THR B 196 -5.91 -3.93 22.07
CA THR B 196 -6.53 -5.02 22.81
C THR B 196 -7.65 -4.54 23.74
N PHE B 197 -8.22 -5.47 24.52
CA PHE B 197 -9.48 -5.25 25.26
C PHE B 197 -9.56 -3.94 26.04
N ASN B 198 -8.45 -3.54 26.64
CA ASN B 198 -8.36 -2.30 27.41
C ASN B 198 -7.84 -1.11 26.59
N ALA B 199 -7.72 -1.32 25.29
CA ALA B 199 -6.99 -0.43 24.40
C ALA B 199 -7.37 1.06 24.45
N GLU B 200 -8.52 1.41 25.01
CA GLU B 200 -8.82 2.84 25.20
C GLU B 200 -8.72 3.67 23.91
N PRO B 201 -9.80 3.69 23.14
CA PRO B 201 -9.81 4.32 21.82
C PRO B 201 -9.11 5.68 21.81
N LEU B 202 -8.44 5.97 20.71
CA LEU B 202 -7.86 7.27 20.48
C LEU B 202 -8.97 8.27 20.25
N GLN B 203 -8.75 9.50 20.68
CA GLN B 203 -9.65 10.60 20.36
C GLN B 203 -8.88 11.89 20.16
N ASP B 204 -9.19 12.61 19.10
CA ASP B 204 -8.50 13.86 18.80
C ASP B 204 -9.14 14.97 19.62
N ASP B 205 -8.32 15.65 20.40
CA ASP B 205 -8.83 16.61 21.38
C ASP B 205 -9.22 17.97 20.79
N LYS B 206 -8.71 18.26 19.59
CA LYS B 206 -8.97 19.55 18.93
C LYS B 206 -10.35 19.61 18.28
N VAL B 207 -10.92 18.45 17.97
CA VAL B 207 -12.26 18.39 17.37
C VAL B 207 -13.35 18.57 18.45
N SER B 208 -14.49 19.12 18.03
CA SER B 208 -15.54 19.50 18.98
C SER B 208 -16.52 18.38 19.31
N PHE B 209 -16.47 17.31 18.52
CA PHE B 209 -17.48 16.24 18.59
C PHE B 209 -16.85 15.02 19.23
N ALA B 210 -17.67 14.19 19.86
CA ALA B 210 -17.20 12.93 20.43
C ALA B 210 -16.98 11.92 19.31
N HIS B 211 -15.87 11.19 19.39
CA HIS B 211 -15.56 10.16 18.40
C HIS B 211 -14.61 9.17 19.04
N PHE B 212 -14.50 7.97 18.50
CA PHE B 212 -13.58 6.98 19.07
C PHE B 212 -12.93 6.16 18.00
N VAL B 213 -11.60 6.11 18.03
CA VAL B 213 -10.86 5.45 16.98
C VAL B 213 -9.87 4.42 17.50
N LEU B 214 -9.91 3.22 16.93
CA LEU B 214 -8.90 2.20 17.14
C LEU B 214 -8.15 1.91 15.85
N PRO B 215 -6.81 2.04 15.86
CA PRO B 215 -6.03 1.65 14.68
C PRO B 215 -6.04 0.14 14.45
N LEU B 216 -5.95 -0.24 13.18
CA LEU B 216 -5.94 -1.62 12.77
C LEU B 216 -4.55 -1.92 12.24
N PRO B 217 -4.14 -3.20 12.31
CA PRO B 217 -2.79 -3.55 11.86
C PRO B 217 -2.60 -3.46 10.35
N GLU B 218 -1.38 -3.16 9.93
CA GLU B 218 -1.01 -2.96 8.53
C GLU B 218 -1.26 -4.17 7.64
N SER B 219 -0.96 -5.35 8.15
CA SER B 219 -1.16 -6.55 7.38
C SER B 219 -2.52 -7.15 7.65
N SER B 220 -3.24 -7.45 6.58
CA SER B 220 -4.58 -8.00 6.64
C SER B 220 -4.65 -9.29 7.45
N ASP B 221 -3.57 -10.06 7.41
CA ASP B 221 -3.52 -11.38 8.01
C ASP B 221 -3.48 -11.36 9.54
N GLN B 222 -3.34 -10.16 10.12
CA GLN B 222 -3.45 -9.98 11.57
C GLN B 222 -4.87 -9.58 11.92
N VAL B 223 -5.73 -9.54 10.90
CA VAL B 223 -7.09 -9.08 11.09
C VAL B 223 -8.06 -10.21 10.85
N ASP B 224 -8.83 -10.53 11.87
CA ASP B 224 -9.88 -11.52 11.72
C ASP B 224 -11.09 -11.02 12.47
N GLU B 225 -12.18 -11.80 12.44
CA GLU B 225 -13.43 -11.35 13.05
C GLU B 225 -13.23 -10.93 14.50
N ASP B 226 -12.39 -11.66 15.22
CA ASP B 226 -12.27 -11.45 16.64
C ASP B 226 -11.66 -10.11 16.98
N LEU B 227 -10.68 -9.70 16.20
CA LEU B 227 -10.08 -8.39 16.44
C LEU B 227 -11.08 -7.29 16.08
N LEU B 228 -11.73 -7.40 14.91
CA LEU B 228 -12.73 -6.43 14.49
C LEU B 228 -13.90 -6.33 15.49
N ALA B 229 -14.46 -7.47 15.86
CA ALA B 229 -15.51 -7.54 16.89
C ALA B 229 -15.08 -6.88 18.18
N MET B 230 -13.83 -7.08 18.60
CA MET B 230 -13.46 -6.57 19.90
C MET B 230 -13.24 -5.07 19.86
N CYS B 231 -12.65 -4.60 18.77
CA CYS B 231 -12.58 -3.17 18.49
C CYS B 231 -13.96 -2.52 18.51
N TYR B 232 -14.88 -3.13 17.77
CA TYR B 232 -16.21 -2.55 17.62
C TYR B 232 -16.86 -2.45 18.97
N VAL B 233 -16.74 -3.50 19.77
CA VAL B 233 -17.34 -3.49 21.10
C VAL B 233 -16.67 -2.42 21.95
N SER B 234 -15.34 -2.38 21.92
CA SER B 234 -14.61 -1.37 22.68
C SER B 234 -15.11 0.04 22.35
N LEU B 235 -15.29 0.34 21.06
CA LEU B 235 -15.78 1.64 20.59
C LEU B 235 -17.24 1.89 20.95
N MET B 236 -18.07 0.86 20.79
CA MET B 236 -19.49 0.98 21.15
C MET B 236 -19.64 1.32 22.62
N GLN B 237 -18.73 0.79 23.44
CA GLN B 237 -18.84 1.01 24.87
C GLN B 237 -18.78 2.50 25.18
N ARG B 238 -17.84 3.19 24.53
CA ARG B 238 -17.70 4.62 24.72
C ARG B 238 -18.91 5.34 24.13
N ALA B 239 -19.33 4.91 22.94
CA ALA B 239 -20.36 5.63 22.20
C ALA B 239 -21.73 5.56 22.88
N LEU B 240 -22.00 4.43 23.53
CA LEU B 240 -23.28 4.20 24.20
C LEU B 240 -23.52 5.09 25.42
N THR B 241 -22.44 5.55 26.06
CA THR B 241 -22.59 6.34 27.27
C THR B 241 -23.35 7.65 26.99
N PHE B 242 -23.30 8.11 25.74
CA PHE B 242 -23.94 9.38 25.37
C PHE B 242 -25.46 9.29 25.32
N PHE B 243 -25.99 8.08 25.29
CA PHE B 243 -27.39 7.86 25.61
C PHE B 243 -27.46 7.09 26.92
N GLN B 244 -27.80 7.79 27.99
CA GLN B 244 -27.86 7.22 29.34
C GLN B 244 -28.78 8.13 30.15
N ASP B 245 -28.81 7.99 31.46
CA ASP B 245 -29.51 9.02 32.23
C ASP B 245 -31.04 9.22 32.13
N TRP B 246 -31.77 8.57 33.05
CA TRP B 246 -31.22 7.46 33.86
C TRP B 246 -31.84 6.05 33.86
N THR B 247 -32.99 5.86 33.20
CA THR B 247 -33.81 4.63 33.41
C THR B 247 -33.71 3.61 32.26
N ASN B 248 -34.21 3.96 31.08
CA ASN B 248 -34.81 5.26 30.80
C ASN B 248 -36.19 5.19 30.20
N GLU B 249 -37.11 5.93 30.78
CA GLU B 249 -38.25 6.37 30.00
C GLU B 249 -38.34 7.90 30.06
N SER B 250 -37.97 8.53 28.95
CA SER B 250 -38.26 9.95 28.72
C SER B 250 -39.73 10.21 28.33
N PRO B 251 -40.28 9.41 27.39
CA PRO B 251 -39.61 8.30 26.69
C PRO B 251 -38.69 8.78 25.57
N GLU B 252 -37.98 7.86 24.94
CA GLU B 252 -36.90 8.24 24.04
C GLU B 252 -36.78 7.35 22.80
N LEU B 253 -36.13 7.88 21.78
CA LEU B 253 -35.82 7.12 20.57
C LEU B 253 -34.62 6.17 20.79
N THR B 254 -34.52 5.14 19.95
CA THR B 254 -33.34 4.29 19.94
C THR B 254 -32.09 5.08 19.55
N LYS B 255 -30.93 4.56 19.94
CA LYS B 255 -29.68 5.27 19.75
C LYS B 255 -29.23 5.34 18.29
N SER B 256 -28.36 6.31 18.01
CA SER B 256 -27.83 6.52 16.67
C SER B 256 -26.32 6.63 16.70
N TYR B 257 -25.66 6.05 15.69
CA TYR B 257 -24.22 6.21 15.57
C TYR B 257 -23.78 5.94 14.17
N ASN B 258 -22.56 6.36 13.87
CA ASN B 258 -21.92 6.09 12.60
C ASN B 258 -20.76 5.16 12.85
N VAL B 259 -20.50 4.30 11.89
CA VAL B 259 -19.31 3.47 11.92
C VAL B 259 -18.49 3.73 10.65
N LEU B 260 -17.22 4.04 10.80
CA LEU B 260 -16.38 4.21 9.63
C LEU B 260 -15.24 3.20 9.68
N LEU B 261 -15.02 2.49 8.58
CA LEU B 261 -13.98 1.48 8.52
C LEU B 261 -13.05 1.73 7.34
N THR B 262 -11.75 1.78 7.61
CA THR B 262 -10.75 1.77 6.54
C THR B 262 -9.79 0.64 6.87
N LYS B 263 -8.82 0.40 5.98
CA LYS B 263 -7.74 -0.54 6.30
C LYS B 263 -6.88 -0.10 7.49
N LYS B 264 -6.76 1.21 7.69
CA LYS B 264 -5.93 1.75 8.77
C LYS B 264 -6.59 1.79 10.15
N TRP B 265 -7.90 2.00 10.19
CA TRP B 265 -8.57 2.23 11.49
C TRP B 265 -10.08 2.00 11.46
N ILE B 266 -10.66 1.83 12.63
CA ILE B 266 -12.09 1.76 12.77
C ILE B 266 -12.48 2.87 13.73
N CYS B 267 -13.63 3.50 13.48
CA CYS B 267 -14.07 4.66 14.23
C CYS B 267 -15.57 4.58 14.52
N VAL B 268 -16.00 4.96 15.72
CA VAL B 268 -17.44 5.10 15.98
C VAL B 268 -17.79 6.51 16.43
N VAL B 269 -18.87 7.06 15.87
CA VAL B 269 -19.40 8.37 16.26
C VAL B 269 -20.85 8.35 16.77
N PRO B 270 -21.07 8.77 18.04
CA PRO B 270 -22.45 8.83 18.50
C PRO B 270 -23.12 10.04 17.88
N ARG B 271 -24.41 9.94 17.56
CA ARG B 271 -25.10 10.94 16.75
C ARG B 271 -26.37 11.47 17.42
N SER B 272 -26.42 12.78 17.62
CA SER B 272 -27.62 13.47 18.12
C SER B 272 -28.66 13.86 17.04
N HIS B 273 -28.20 14.37 15.89
CA HIS B 273 -29.09 14.90 14.84
C HIS B 273 -28.64 14.51 13.46
N ALA B 274 -29.60 14.20 12.59
CA ALA B 274 -29.25 13.82 11.23
C ALA B 274 -28.73 15.03 10.48
N LYS B 275 -29.32 16.19 10.75
CA LYS B 275 -28.96 17.43 10.08
C LYS B 275 -28.47 18.45 11.09
N SER B 276 -27.53 19.29 10.67
CA SER B 276 -26.94 20.32 11.52
C SER B 276 -27.88 21.49 11.76
N GLY B 277 -27.54 22.31 12.75
CA GLY B 277 -28.34 23.47 13.09
C GLY B 277 -28.26 24.60 12.08
N PRO B 278 -28.60 25.82 12.52
CA PRO B 278 -29.11 26.92 11.69
C PRO B 278 -28.26 27.36 10.49
N PRO B 279 -26.95 27.61 10.66
CA PRO B 279 -26.35 28.24 9.48
C PRO B 279 -26.33 27.35 8.23
N LEU B 280 -25.76 26.15 8.36
CA LEU B 280 -25.60 25.25 7.21
C LEU B 280 -26.79 24.35 6.90
N MET B 281 -27.37 23.77 7.94
CA MET B 281 -28.34 22.69 7.77
C MET B 281 -27.76 21.60 6.87
N LEU B 282 -26.52 21.20 7.15
CA LEU B 282 -25.86 20.10 6.46
C LEU B 282 -26.53 18.77 6.79
N ASN B 283 -26.74 17.96 5.78
CA ASN B 283 -27.08 16.57 6.00
C ASN B 283 -25.77 15.88 6.30
N ILE B 284 -25.69 15.27 7.47
CA ILE B 284 -24.46 14.59 7.84
C ILE B 284 -24.67 13.08 7.98
N ASN B 285 -23.94 12.31 7.20
CA ASN B 285 -23.84 10.85 7.42
C ASN B 285 -22.42 10.53 7.83
N SER B 286 -22.08 9.25 7.91
CA SER B 286 -20.77 8.82 8.43
C SER B 286 -19.61 9.61 7.86
N THR B 287 -19.61 9.83 6.54
CA THR B 287 -18.49 10.48 5.88
C THR B 287 -18.19 11.82 6.53
N GLY B 288 -19.20 12.50 7.04
CA GLY B 288 -18.95 13.79 7.63
C GLY B 288 -17.85 13.75 8.67
N TYR B 289 -17.81 12.66 9.41
CA TYR B 289 -16.94 12.58 10.58
C TYR B 289 -15.54 12.09 10.26
N CYS B 290 -15.29 11.80 8.99
CA CYS B 290 -13.91 11.67 8.56
C CYS B 290 -13.47 12.96 7.86
N GLY B 291 -14.40 13.91 7.82
CA GLY B 291 -14.13 15.23 7.27
C GLY B 291 -14.75 15.50 5.90
N MET B 292 -15.48 14.53 5.35
CA MET B 292 -16.10 14.68 4.03
C MET B 292 -17.54 15.20 4.08
N ILE B 293 -17.76 16.34 3.44
CA ILE B 293 -19.01 17.08 3.61
C ILE B 293 -19.63 17.41 2.24
N LEU B 294 -20.93 17.19 2.14
CA LEU B 294 -21.65 17.48 0.90
C LEU B 294 -22.54 18.71 1.07
N VAL B 295 -22.36 19.71 0.20
CA VAL B 295 -23.21 20.92 0.20
C VAL B 295 -23.99 21.07 -1.12
N LYS B 296 -25.26 21.48 -1.00
CA LYS B 296 -26.11 21.68 -2.18
C LYS B 296 -26.31 23.12 -2.65
N ASP B 297 -25.80 24.08 -1.88
CA ASP B 297 -26.06 25.51 -2.16
C ASP B 297 -24.79 26.34 -2.21
N ARG B 298 -24.69 27.16 -3.26
CA ARG B 298 -23.49 27.98 -3.48
C ARG B 298 -23.22 28.86 -2.29
N GLU B 299 -24.31 29.29 -1.65
CA GLU B 299 -24.22 30.23 -0.55
C GLU B 299 -23.58 29.57 0.67
N LYS B 300 -24.04 28.37 0.98
CA LYS B 300 -23.46 27.59 2.07
C LYS B 300 -21.98 27.36 1.79
N LEU B 301 -21.65 27.04 0.55
CA LEU B 301 -20.28 26.67 0.18
C LEU B 301 -19.33 27.82 0.41
N GLU B 302 -19.80 29.03 0.13
CA GLU B 302 -19.01 30.24 0.35
C GLU B 302 -18.73 30.48 1.83
N ASN B 303 -19.76 30.33 2.66
CA ASN B 303 -19.60 30.45 4.11
C ASN B 303 -18.59 29.46 4.66
N LEU B 304 -18.50 28.29 4.04
CA LEU B 304 -17.58 27.26 4.51
C LEU B 304 -16.18 27.64 4.13
N THR B 305 -16.00 28.07 2.88
CA THR B 305 -14.72 28.56 2.45
C THR B 305 -14.24 29.65 3.42
N GLU B 306 -15.11 30.64 3.63
CA GLU B 306 -14.77 31.78 4.47
C GLU B 306 -14.41 31.35 5.89
N ASP B 307 -15.24 30.50 6.49
CA ASP B 307 -14.95 29.98 7.82
C ASP B 307 -15.12 28.45 7.85
N PRO B 308 -14.03 27.72 7.54
CA PRO B 308 -14.10 26.27 7.49
C PRO B 308 -14.40 25.71 8.87
N HIS B 309 -14.17 26.53 9.89
CA HIS B 309 -14.43 26.08 11.25
C HIS B 309 -15.91 25.88 11.51
N LEU B 310 -16.75 26.30 10.55
CA LEU B 310 -18.20 26.04 10.59
C LEU B 310 -18.49 24.55 10.45
N VAL B 311 -17.57 23.81 9.83
CA VAL B 311 -17.72 22.36 9.72
C VAL B 311 -17.59 21.73 11.11
N ASP B 312 -16.59 22.19 11.85
CA ASP B 312 -16.34 21.63 13.16
C ASP B 312 -17.56 21.80 14.07
N LYS B 313 -18.26 22.91 13.88
CA LYS B 313 -19.43 23.20 14.69
C LYS B 313 -20.65 22.40 14.26
N SER B 314 -20.80 22.18 12.97
CA SER B 314 -21.98 21.47 12.49
C SER B 314 -21.85 19.98 12.84
N LEU B 315 -20.61 19.50 12.89
CA LEU B 315 -20.33 18.12 13.32
C LEU B 315 -20.65 17.95 14.80
N LEU B 316 -20.32 18.96 15.60
CA LEU B 316 -20.76 19.02 16.98
C LEU B 316 -22.26 18.99 17.05
N GLN B 317 -22.91 19.76 16.18
CA GLN B 317 -24.37 19.90 16.21
C GLN B 317 -25.06 18.58 15.94
N CYS B 318 -24.49 17.77 15.05
CA CYS B 318 -25.04 16.46 14.73
C CYS B 318 -24.52 15.39 15.68
N GLY B 319 -23.49 15.76 16.44
CA GLY B 319 -22.82 14.86 17.38
C GLY B 319 -23.07 15.17 18.85
N PHE B 320 -22.08 14.83 19.67
CA PHE B 320 -22.09 15.16 21.09
C PHE B 320 -20.77 15.84 21.41
N PRO B 321 -20.72 16.57 22.54
CA PRO B 321 -19.45 17.22 22.94
C PRO B 321 -18.29 16.22 23.07
N ASN B 322 -17.15 16.58 22.51
CA ASN B 322 -15.94 15.79 22.65
C ASN B 322 -15.44 15.81 24.10
N THR B 323 -15.20 14.65 24.69
CA THR B 323 -14.60 14.60 26.02
C THR B 323 -13.14 14.19 25.89
N ALA B 324 -12.24 15.15 26.06
CA ALA B 324 -10.81 14.90 25.86
C ALA B 324 -10.19 14.12 27.02
#